data_7B42
#
_entry.id   7B42
#
_cell.length_a   112.220
_cell.length_b   42.860
_cell.length_c   86.960
_cell.angle_alpha   90.000
_cell.angle_beta   122.230
_cell.angle_gamma   90.000
#
_symmetry.space_group_name_H-M   'C 1 2 1'
#
loop_
_entity.id
_entity.type
_entity.pdbx_description
1 polymer 'Hepatocyte growth factor receptor'
2 non-polymer 3-[(3-fluorophenyl)methyl]-5-(1-piperidin-4-ylpyrazol-4-yl)-1~{H}-pyrrolo[2,3-b]pyridine
3 water water
#
_entity_poly.entity_id   1
_entity_poly.type   'polypeptide(L)'
_entity_poly.pdbx_seq_one_letter_code
;GNTVHIDLSALNPELVQAVQHVVIGPSSLIVHFNEVIGRGHFGCVYHGTLLDNDGKKIHCAVKSLNRITDIGEVSQFLTE
GIIMKDFSHPNVLSLLGICLRSEGSPLVVLPYMKHGDLRNFIRNETHNPTVKDLIGFGLQVAKGMKYLASKKFVHRDLAA
RNCMLDEKFTVKVADFGLARDMYDKEYYSVHNKTGAKLPVKWMALESLQTQKFTTKSDVWSFGVLLWELMTRGAPPYPDV
NTFDITVYLLQGRRLLQPEYCPDPLYEVMLKCWHPKAEMRPSFSELVSRISAIFSTFIG
;
_entity_poly.pdbx_strand_id   A
#
loop_
_chem_comp.id
_chem_comp.type
_chem_comp.name
_chem_comp.formula
SW8 non-polymer 3-[(3-fluorophenyl)methyl]-5-(1-piperidin-4-ylpyrazol-4-yl)-1~{H}-pyrrolo[2,3-b]pyridine 'C22 H22 F N5'
#
# COMPACT_ATOMS: atom_id res chain seq x y z
N LEU A 8 20.28 13.07 -20.17
CA LEU A 8 19.53 13.95 -19.26
C LEU A 8 19.29 15.34 -19.87
N SER A 9 20.24 15.82 -20.71
CA SER A 9 20.18 17.11 -21.42
C SER A 9 19.02 17.14 -22.42
N ALA A 10 18.70 15.96 -23.01
CA ALA A 10 17.66 15.71 -24.01
C ALA A 10 16.20 15.85 -23.51
N LEU A 11 15.97 16.05 -22.19
CA LEU A 11 14.61 16.19 -21.63
C LEU A 11 14.04 17.59 -21.84
N ASN A 12 12.71 17.67 -22.09
CA ASN A 12 12.02 18.95 -22.31
C ASN A 12 12.25 19.94 -21.14
N PRO A 13 12.70 21.20 -21.40
CA PRO A 13 12.96 22.15 -20.30
C PRO A 13 11.76 22.51 -19.44
N GLU A 14 10.53 22.57 -20.02
CA GLU A 14 9.34 22.90 -19.23
C GLU A 14 8.97 21.73 -18.31
N LEU A 15 9.30 20.49 -18.72
CA LEU A 15 9.04 19.31 -17.91
C LEU A 15 10.06 19.21 -16.76
N VAL A 16 11.32 19.56 -17.04
CA VAL A 16 12.42 19.59 -16.07
C VAL A 16 12.07 20.61 -14.98
N GLN A 17 11.57 21.79 -15.38
CA GLN A 17 11.12 22.85 -14.47
C GLN A 17 9.99 22.35 -13.59
N ALA A 18 9.05 21.58 -14.17
CA ALA A 18 7.89 21.01 -13.48
C ALA A 18 8.28 19.95 -12.44
N VAL A 19 9.32 19.13 -12.70
CA VAL A 19 9.74 18.06 -11.78
C VAL A 19 10.75 18.55 -10.71
N GLN A 20 11.27 19.77 -10.82
CA GLN A 20 12.28 20.28 -9.89
C GLN A 20 11.95 20.12 -8.40
N HIS A 21 10.68 20.35 -8.02
CA HIS A 21 10.22 20.21 -6.63
C HIS A 21 10.22 18.75 -6.10
N VAL A 22 10.37 17.75 -7.01
CA VAL A 22 10.38 16.32 -6.66
C VAL A 22 11.82 15.74 -6.61
N VAL A 23 12.75 16.45 -7.25
CA VAL A 23 14.13 15.96 -7.42
C VAL A 23 14.99 16.20 -6.21
N ILE A 24 15.73 15.16 -5.82
CA ILE A 24 16.70 15.18 -4.72
C ILE A 24 18.06 15.25 -5.42
N GLY A 25 18.82 16.31 -5.15
CA GLY A 25 20.16 16.50 -5.71
C GLY A 25 21.16 15.48 -5.17
N PRO A 26 22.22 15.11 -5.92
CA PRO A 26 23.18 14.10 -5.39
C PRO A 26 23.90 14.49 -4.10
N SER A 27 24.00 15.81 -3.80
CA SER A 27 24.64 16.28 -2.57
C SER A 27 23.70 16.24 -1.34
N SER A 28 22.43 15.89 -1.55
CA SER A 28 21.44 15.80 -0.47
C SER A 28 21.24 14.34 0.00
N LEU A 29 21.71 13.36 -0.76
CA LEU A 29 21.48 11.95 -0.47
C LEU A 29 22.74 11.10 -0.44
N ILE A 30 22.90 10.30 0.65
CA ILE A 30 23.98 9.33 0.81
C ILE A 30 23.27 7.95 0.66
N VAL A 31 23.52 7.24 -0.45
CA VAL A 31 22.94 5.90 -0.64
C VAL A 31 23.93 4.83 -0.19
N HIS A 32 23.50 3.91 0.69
CA HIS A 32 24.35 2.84 1.17
C HIS A 32 24.07 1.58 0.29
N PHE A 33 24.66 1.55 -0.94
CA PHE A 33 24.48 0.45 -1.92
C PHE A 33 24.99 -0.93 -1.42
N ASN A 34 25.77 -0.95 -0.33
CA ASN A 34 26.34 -2.12 0.34
C ASN A 34 25.40 -2.73 1.41
N GLU A 35 24.21 -2.15 1.64
CA GLU A 35 23.30 -2.73 2.63
C GLU A 35 21.85 -2.68 2.19
N VAL A 36 21.26 -3.86 2.03
CA VAL A 36 19.86 -3.98 1.66
C VAL A 36 18.94 -3.93 2.86
N ILE A 37 17.72 -3.54 2.60
CA ILE A 37 16.69 -3.51 3.61
C ILE A 37 15.82 -4.79 3.40
N GLY A 38 15.48 -5.45 4.48
CA GLY A 38 14.61 -6.62 4.50
C GLY A 38 15.06 -7.90 3.80
N ARG A 39 16.35 -8.26 3.95
CA ARG A 39 16.97 -9.49 3.45
C ARG A 39 16.60 -9.88 1.99
N GLY A 40 16.47 -8.89 1.12
CA GLY A 40 16.14 -9.09 -0.29
C GLY A 40 14.67 -9.29 -0.65
N HIS A 41 13.78 -9.46 0.36
CA HIS A 41 12.34 -9.68 0.20
C HIS A 41 11.58 -8.55 -0.53
N PHE A 42 12.20 -7.36 -0.65
CA PHE A 42 11.63 -6.20 -1.33
C PHE A 42 12.46 -5.81 -2.57
N GLY A 43 13.34 -6.72 -2.99
CA GLY A 43 14.21 -6.49 -4.14
C GLY A 43 15.42 -5.64 -3.81
N CYS A 44 15.86 -4.79 -4.74
CA CYS A 44 17.03 -3.95 -4.53
C CYS A 44 16.68 -2.64 -3.81
N VAL A 45 16.37 -2.75 -2.50
CA VAL A 45 16.02 -1.57 -1.69
C VAL A 45 17.11 -1.39 -0.66
N TYR A 46 17.74 -0.20 -0.69
CA TYR A 46 18.90 0.10 0.14
C TYR A 46 18.62 1.12 1.20
N HIS A 47 19.40 1.09 2.30
CA HIS A 47 19.36 2.16 3.29
C HIS A 47 19.98 3.41 2.65
N GLY A 48 19.47 4.56 3.03
CA GLY A 48 19.95 5.85 2.56
C GLY A 48 19.82 6.91 3.65
N THR A 49 20.54 8.00 3.50
CA THR A 49 20.46 9.14 4.40
C THR A 49 20.16 10.35 3.56
N LEU A 50 19.04 10.98 3.82
CA LEU A 50 18.59 12.17 3.11
C LEU A 50 18.80 13.37 4.00
N LEU A 51 19.35 14.44 3.44
CA LEU A 51 19.59 15.68 4.18
C LEU A 51 18.51 16.70 3.84
N ASP A 52 17.80 17.23 4.85
CA ASP A 52 16.81 18.26 4.54
C ASP A 52 17.51 19.66 4.40
N ASN A 53 16.72 20.73 4.08
CA ASN A 53 17.21 22.11 3.92
C ASN A 53 18.01 22.62 5.11
N ASP A 54 17.65 22.17 6.33
CA ASP A 54 18.31 22.55 7.58
C ASP A 54 19.42 21.59 7.97
N GLY A 55 19.67 20.60 7.12
CA GLY A 55 20.70 19.59 7.37
C GLY A 55 20.29 18.50 8.33
N LYS A 56 18.99 18.32 8.59
CA LYS A 56 18.55 17.22 9.45
C LYS A 56 18.70 15.91 8.68
N LYS A 57 19.24 14.86 9.32
CA LYS A 57 19.41 13.55 8.70
C LYS A 57 18.11 12.74 8.76
N ILE A 58 17.70 12.22 7.62
CA ILE A 58 16.48 11.43 7.48
C ILE A 58 16.86 10.02 6.97
N HIS A 59 16.57 8.98 7.78
CA HIS A 59 16.77 7.59 7.38
C HIS A 59 15.69 7.27 6.31
N CYS A 60 16.14 6.82 5.15
CA CYS A 60 15.27 6.51 4.03
C CYS A 60 15.55 5.16 3.37
N ALA A 61 14.64 4.72 2.53
CA ALA A 61 14.76 3.49 1.76
C ALA A 61 14.85 3.93 0.30
N VAL A 62 15.88 3.45 -0.40
CA VAL A 62 16.21 3.83 -1.78
C VAL A 62 16.05 2.66 -2.73
N LYS A 63 15.17 2.83 -3.71
CA LYS A 63 14.88 1.81 -4.71
C LYS A 63 15.46 2.26 -6.05
N SER A 64 16.26 1.38 -6.67
CA SER A 64 16.85 1.65 -7.97
C SER A 64 15.84 1.15 -8.99
N LEU A 65 15.29 2.05 -9.83
CA LEU A 65 14.27 1.67 -10.80
C LEU A 65 14.88 1.17 -12.12
N ASN A 66 15.31 -0.11 -12.10
CA ASN A 66 16.03 -0.81 -13.18
C ASN A 66 15.23 -0.94 -14.50
N ARG A 67 13.88 -0.96 -14.44
CA ARG A 67 12.97 -1.06 -15.58
C ARG A 67 13.07 0.13 -16.57
N ILE A 68 13.46 1.31 -16.08
CA ILE A 68 13.60 2.54 -16.88
C ILE A 68 14.97 2.58 -17.53
N THR A 69 15.00 2.69 -18.88
CA THR A 69 16.24 2.75 -19.67
C THR A 69 16.29 3.99 -20.58
N ASP A 70 15.37 4.05 -21.57
CA ASP A 70 15.26 5.11 -22.57
C ASP A 70 14.72 6.46 -22.02
N ILE A 71 14.94 7.56 -22.77
CA ILE A 71 14.50 8.93 -22.42
C ILE A 71 12.95 9.03 -22.32
N GLY A 72 12.24 8.26 -23.15
CA GLY A 72 10.78 8.19 -23.18
C GLY A 72 10.22 7.72 -21.84
N GLU A 73 10.81 6.63 -21.29
CA GLU A 73 10.47 6.06 -19.98
C GLU A 73 10.82 7.02 -18.83
N VAL A 74 12.00 7.70 -18.89
CA VAL A 74 12.46 8.67 -17.88
C VAL A 74 11.41 9.77 -17.78
N SER A 75 11.00 10.33 -18.94
CA SER A 75 9.99 11.38 -19.05
C SER A 75 8.66 10.96 -18.42
N GLN A 76 8.25 9.69 -18.60
CA GLN A 76 6.98 9.18 -18.05
C GLN A 76 7.04 9.05 -16.53
N PHE A 77 8.13 8.41 -16.01
CA PHE A 77 8.38 8.22 -14.58
C PHE A 77 8.37 9.58 -13.86
N LEU A 78 8.94 10.61 -14.52
CA LEU A 78 9.01 11.99 -14.05
C LEU A 78 7.61 12.56 -13.76
N THR A 79 6.60 12.06 -14.48
CA THR A 79 5.21 12.48 -14.33
C THR A 79 4.57 11.78 -13.16
N GLU A 80 4.79 10.46 -13.01
CA GLU A 80 4.27 9.69 -11.87
C GLU A 80 4.87 10.23 -10.55
N GLY A 81 6.07 10.81 -10.63
CA GLY A 81 6.73 11.44 -9.49
C GLY A 81 6.00 12.70 -9.09
N ILE A 82 5.74 13.59 -10.08
CA ILE A 82 5.01 14.85 -9.87
C ILE A 82 3.63 14.58 -9.23
N ILE A 83 2.94 13.53 -9.67
CA ILE A 83 1.61 13.18 -9.17
C ILE A 83 1.69 12.59 -7.76
N MET A 84 2.58 11.61 -7.51
CA MET A 84 2.73 10.98 -6.18
C MET A 84 3.23 11.98 -5.13
N LYS A 85 4.08 12.95 -5.52
CA LYS A 85 4.56 13.98 -4.59
C LYS A 85 3.42 14.82 -3.96
N ASP A 86 2.33 15.06 -4.73
CA ASP A 86 1.15 15.80 -4.24
C ASP A 86 0.28 14.98 -3.28
N PHE A 87 0.58 13.68 -3.13
CA PHE A 87 -0.20 12.83 -2.23
C PHE A 87 0.52 12.82 -0.88
N SER A 88 -0.11 13.35 0.15
CA SER A 88 0.46 13.38 1.50
C SER A 88 -0.64 13.21 2.52
N HIS A 89 -0.52 12.18 3.39
CA HIS A 89 -1.47 11.89 4.46
C HIS A 89 -0.73 11.02 5.50
N PRO A 90 -1.08 11.09 6.82
CA PRO A 90 -0.36 10.26 7.82
C PRO A 90 -0.51 8.75 7.61
N ASN A 91 -1.51 8.31 6.82
CA ASN A 91 -1.73 6.88 6.63
C ASN A 91 -1.51 6.41 5.22
N VAL A 92 -0.67 7.16 4.47
CA VAL A 92 -0.30 6.86 3.10
C VAL A 92 1.24 7.01 3.02
N LEU A 93 1.90 6.08 2.35
CA LEU A 93 3.35 6.12 2.25
C LEU A 93 3.75 7.29 1.33
N SER A 94 4.53 8.22 1.87
CA SER A 94 4.90 9.41 1.08
C SER A 94 6.07 9.10 0.15
N LEU A 95 6.21 9.89 -0.90
CA LEU A 95 7.36 9.86 -1.79
C LEU A 95 8.27 10.98 -1.31
N LEU A 96 9.49 10.66 -0.83
CA LEU A 96 10.40 11.72 -0.40
C LEU A 96 10.98 12.48 -1.60
N GLY A 97 11.24 11.76 -2.67
CA GLY A 97 11.73 12.35 -3.91
C GLY A 97 12.30 11.31 -4.85
N ILE A 98 12.90 11.78 -5.93
CA ILE A 98 13.53 10.95 -6.97
C ILE A 98 14.92 11.50 -7.32
N CYS A 99 15.82 10.64 -7.79
CA CYS A 99 17.18 11.02 -8.21
C CYS A 99 17.39 10.68 -9.66
N LEU A 100 17.85 11.66 -10.44
CA LEU A 100 18.12 11.51 -11.87
C LEU A 100 19.61 11.51 -12.15
N GLY A 104 23.83 5.69 -13.27
CA GLY A 104 22.90 4.73 -13.85
C GLY A 104 21.43 5.05 -13.60
N SER A 105 20.65 3.99 -13.33
CA SER A 105 19.20 3.93 -13.03
C SER A 105 18.60 5.10 -12.21
N PRO A 106 17.35 5.55 -12.47
CA PRO A 106 16.76 6.59 -11.61
C PRO A 106 16.47 6.00 -10.23
N LEU A 107 16.48 6.83 -9.19
CA LEU A 107 16.22 6.34 -7.85
C LEU A 107 14.89 6.85 -7.31
N VAL A 108 14.20 6.03 -6.51
CA VAL A 108 12.97 6.41 -5.82
C VAL A 108 13.32 6.40 -4.34
N VAL A 109 13.09 7.53 -3.65
CA VAL A 109 13.39 7.69 -2.24
C VAL A 109 12.09 7.68 -1.41
N LEU A 110 12.00 6.72 -0.50
CA LEU A 110 10.81 6.50 0.35
C LEU A 110 11.21 6.56 1.82
N PRO A 111 10.27 6.86 2.74
CA PRO A 111 10.64 6.88 4.18
C PRO A 111 10.94 5.48 4.67
N TYR A 112 11.82 5.38 5.69
CA TYR A 112 12.15 4.13 6.34
C TYR A 112 11.02 3.72 7.32
N MET A 113 10.56 2.48 7.19
CA MET A 113 9.45 1.86 7.93
C MET A 113 10.05 0.80 8.83
N LYS A 114 10.31 1.15 10.08
CA LYS A 114 10.97 0.25 11.03
C LYS A 114 10.37 -1.15 11.12
N HIS A 115 9.04 -1.28 11.15
CA HIS A 115 8.45 -2.59 11.33
C HIS A 115 8.01 -3.31 10.03
N GLY A 116 8.53 -2.88 8.88
CA GLY A 116 8.25 -3.51 7.59
C GLY A 116 6.77 -3.54 7.23
N ASP A 117 6.32 -4.63 6.58
CA ASP A 117 4.93 -4.76 6.16
C ASP A 117 4.00 -5.21 7.29
N LEU A 118 2.78 -4.73 7.27
CA LEU A 118 1.74 -5.01 8.25
C LEU A 118 1.43 -6.53 8.38
N ARG A 119 1.39 -7.26 7.26
CA ARG A 119 1.09 -8.70 7.31
C ARG A 119 2.16 -9.46 8.12
N ASN A 120 3.46 -9.23 7.79
CA ASN A 120 4.53 -9.91 8.53
C ASN A 120 4.53 -9.56 10.00
N PHE A 121 4.30 -8.27 10.33
CA PHE A 121 4.22 -7.81 11.70
C PHE A 121 3.13 -8.57 12.47
N ILE A 122 1.90 -8.65 11.92
CA ILE A 122 0.77 -9.31 12.64
C ILE A 122 0.95 -10.84 12.73
N ARG A 123 1.71 -11.45 11.80
CA ARG A 123 1.98 -12.89 11.75
C ARG A 123 3.05 -13.30 12.74
N ASN A 124 4.04 -12.43 13.00
CA ASN A 124 5.16 -12.68 13.90
C ASN A 124 4.68 -13.07 15.30
N GLU A 125 4.95 -14.35 15.66
CA GLU A 125 4.61 -15.00 16.93
C GLU A 125 4.96 -14.18 18.17
N THR A 126 6.12 -13.48 18.11
CA THR A 126 6.66 -12.63 19.19
C THR A 126 5.83 -11.36 19.45
N HIS A 127 5.01 -10.91 18.47
CA HIS A 127 4.19 -9.71 18.65
C HIS A 127 2.80 -10.09 19.16
N ASN A 128 2.25 -9.29 20.08
CA ASN A 128 0.93 -9.62 20.61
C ASN A 128 -0.08 -8.45 20.58
N PRO A 129 -0.47 -7.94 19.38
CA PRO A 129 -1.46 -6.85 19.34
C PRO A 129 -2.82 -7.31 19.85
N THR A 130 -3.54 -6.41 20.53
CA THR A 130 -4.88 -6.68 21.04
C THR A 130 -5.89 -6.51 19.92
N VAL A 131 -7.15 -6.91 20.16
CA VAL A 131 -8.26 -6.77 19.22
C VAL A 131 -8.42 -5.28 18.91
N LYS A 132 -8.31 -4.44 19.95
CA LYS A 132 -8.39 -2.98 19.83
C LYS A 132 -7.29 -2.49 18.87
N ASP A 133 -6.03 -2.94 19.09
CA ASP A 133 -4.84 -2.56 18.27
C ASP A 133 -5.08 -2.97 16.83
N LEU A 134 -5.58 -4.20 16.62
CA LEU A 134 -5.88 -4.68 15.27
C LEU A 134 -6.93 -3.83 14.60
N ILE A 135 -8.00 -3.46 15.32
CA ILE A 135 -9.04 -2.61 14.76
C ILE A 135 -8.45 -1.21 14.46
N GLY A 136 -7.55 -0.73 15.33
CA GLY A 136 -6.87 0.55 15.17
C GLY A 136 -6.08 0.57 13.87
N PHE A 137 -5.39 -0.54 13.56
CA PHE A 137 -4.65 -0.71 12.28
C PHE A 137 -5.62 -0.61 11.09
N GLY A 138 -6.79 -1.25 11.23
CA GLY A 138 -7.84 -1.22 10.22
C GLY A 138 -8.38 0.17 9.99
N LEU A 139 -8.61 0.92 11.10
CA LEU A 139 -9.09 2.30 11.03
C LEU A 139 -8.03 3.17 10.32
N GLN A 140 -6.73 2.93 10.59
CA GLN A 140 -5.63 3.67 9.94
C GLN A 140 -5.63 3.46 8.45
N VAL A 141 -5.82 2.18 8.03
CA VAL A 141 -5.88 1.86 6.61
C VAL A 141 -7.10 2.58 6.01
N ALA A 142 -8.27 2.49 6.67
CA ALA A 142 -9.50 3.17 6.20
C ALA A 142 -9.27 4.69 6.03
N LYS A 143 -8.53 5.33 6.95
CA LYS A 143 -8.19 6.77 6.85
C LYS A 143 -7.31 7.07 5.64
N GLY A 144 -6.33 6.21 5.38
CA GLY A 144 -5.46 6.36 4.20
C GLY A 144 -6.23 6.20 2.92
N MET A 145 -7.12 5.19 2.86
CA MET A 145 -7.94 4.97 1.67
C MET A 145 -8.99 6.07 1.42
N LYS A 146 -9.58 6.62 2.49
CA LYS A 146 -10.55 7.73 2.45
C LYS A 146 -9.86 8.92 1.74
N TYR A 147 -8.59 9.15 2.10
CA TYR A 147 -7.78 10.20 1.47
C TYR A 147 -7.57 9.88 -0.01
N LEU A 148 -7.10 8.64 -0.34
CA LEU A 148 -6.86 8.33 -1.76
C LEU A 148 -8.16 8.46 -2.60
N ALA A 149 -9.27 7.94 -2.08
CA ALA A 149 -10.61 7.96 -2.69
C ALA A 149 -11.05 9.43 -2.94
N SER A 150 -10.76 10.35 -1.99
CA SER A 150 -11.07 11.78 -2.09
C SER A 150 -10.36 12.44 -3.29
N LYS A 151 -9.20 11.87 -3.70
CA LYS A 151 -8.38 12.35 -4.81
C LYS A 151 -8.71 11.56 -6.09
N LYS A 152 -9.77 10.73 -6.06
CA LYS A 152 -10.22 9.85 -7.16
C LYS A 152 -9.12 8.84 -7.56
N PHE A 153 -8.29 8.43 -6.58
CA PHE A 153 -7.21 7.48 -6.84
C PHE A 153 -7.67 6.09 -6.46
N VAL A 154 -7.62 5.18 -7.42
CA VAL A 154 -8.02 3.76 -7.24
C VAL A 154 -6.73 2.97 -7.04
N HIS A 155 -6.58 2.32 -5.86
CA HIS A 155 -5.37 1.58 -5.49
C HIS A 155 -5.11 0.31 -6.34
N ARG A 156 -6.15 -0.55 -6.50
CA ARG A 156 -6.16 -1.82 -7.26
C ARG A 156 -5.41 -2.99 -6.60
N ASP A 157 -4.62 -2.77 -5.55
CA ASP A 157 -3.96 -3.92 -4.91
C ASP A 157 -3.86 -3.78 -3.39
N LEU A 158 -4.97 -3.39 -2.74
CA LEU A 158 -4.98 -3.26 -1.30
C LEU A 158 -5.00 -4.64 -0.62
N ALA A 159 -4.06 -4.87 0.30
CA ALA A 159 -3.95 -6.12 1.06
C ALA A 159 -3.00 -5.81 2.23
N ALA A 160 -3.03 -6.63 3.27
CA ALA A 160 -2.18 -6.37 4.44
C ALA A 160 -0.66 -6.36 4.13
N ARG A 161 -0.17 -7.18 3.17
CA ARG A 161 1.23 -7.23 2.75
C ARG A 161 1.68 -5.89 2.09
N ASN A 162 0.72 -5.09 1.62
CA ASN A 162 0.95 -3.84 0.90
C ASN A 162 0.82 -2.60 1.76
N CYS A 163 0.74 -2.76 3.08
CA CYS A 163 0.69 -1.65 4.04
C CYS A 163 1.95 -1.83 4.88
N MET A 164 2.53 -0.71 5.30
CA MET A 164 3.77 -0.71 6.06
C MET A 164 3.52 -0.14 7.43
N LEU A 165 4.44 -0.42 8.36
CA LEU A 165 4.39 0.08 9.74
C LEU A 165 5.68 0.80 10.10
N ASP A 166 5.56 2.04 10.63
CA ASP A 166 6.74 2.80 11.04
C ASP A 166 7.05 2.58 12.53
N GLU A 167 8.07 3.28 13.08
CA GLU A 167 8.52 3.13 14.47
C GLU A 167 7.46 3.50 15.51
N LYS A 168 6.48 4.36 15.15
CA LYS A 168 5.39 4.77 16.06
C LYS A 168 4.15 3.88 15.88
N PHE A 169 4.29 2.80 15.09
CA PHE A 169 3.22 1.86 14.77
C PHE A 169 2.11 2.54 13.96
N THR A 170 2.48 3.52 13.14
CA THR A 170 1.56 4.19 12.23
C THR A 170 1.55 3.36 10.94
N VAL A 171 0.34 3.02 10.46
CA VAL A 171 0.20 2.23 9.25
C VAL A 171 0.20 3.20 8.09
N LYS A 172 0.90 2.84 7.02
CA LYS A 172 0.98 3.61 5.80
C LYS A 172 0.56 2.69 4.65
N VAL A 173 -0.48 3.09 3.92
CA VAL A 173 -0.91 2.38 2.73
C VAL A 173 0.23 2.55 1.70
N ALA A 174 0.67 1.45 1.09
CA ALA A 174 1.79 1.54 0.16
C ALA A 174 1.49 0.82 -1.13
N ASP A 175 2.52 0.37 -1.87
CA ASP A 175 2.35 -0.38 -3.11
C ASP A 175 1.44 0.35 -4.17
N PHE A 176 1.64 1.66 -4.34
CA PHE A 176 0.93 2.44 -5.36
C PHE A 176 1.90 3.50 -5.95
N GLY A 177 1.58 4.04 -7.13
CA GLY A 177 2.41 5.06 -7.79
C GLY A 177 3.82 4.55 -8.04
N LEU A 178 4.84 5.33 -7.63
CA LEU A 178 6.25 4.90 -7.78
C LEU A 178 6.68 3.82 -6.78
N ALA A 179 5.85 3.60 -5.74
CA ALA A 179 6.09 2.59 -4.72
C ALA A 179 5.44 1.24 -5.10
N ARG A 180 5.00 1.07 -6.36
CA ARG A 180 4.37 -0.17 -6.81
C ARG A 180 5.47 -1.24 -7.11
N ASP A 181 5.07 -2.54 -7.25
CA ASP A 181 6.00 -3.68 -7.49
C ASP A 181 7.01 -3.80 -6.32
N MET A 182 6.52 -3.48 -5.13
CA MET A 182 7.21 -3.48 -3.84
C MET A 182 7.82 -4.85 -3.56
N TYR A 183 7.23 -5.93 -4.13
CA TYR A 183 7.70 -7.30 -4.00
C TYR A 183 8.41 -7.87 -5.26
N ASP A 184 8.93 -7.01 -6.14
CA ASP A 184 9.62 -7.50 -7.34
C ASP A 184 11.04 -7.99 -7.02
N LYS A 185 11.19 -9.32 -6.91
CA LYS A 185 12.45 -10.02 -6.64
C LYS A 185 13.07 -10.46 -7.96
N GLU A 186 14.42 -10.46 -8.01
CA GLU A 186 15.19 -10.87 -9.19
C GLU A 186 15.62 -12.31 -8.99
N TYR A 187 15.58 -13.12 -10.07
CA TYR A 187 16.01 -14.51 -10.05
C TYR A 187 17.14 -14.74 -11.07
N TYR A 188 17.95 -15.81 -10.88
CA TYR A 188 19.04 -16.13 -11.81
C TYR A 188 18.61 -17.08 -12.91
N SER A 189 17.63 -17.96 -12.62
CA SER A 189 17.11 -18.94 -13.59
C SER A 189 15.83 -18.43 -14.26
N LEU A 198 -2.30 -11.27 -10.68
CA LEU A 198 -3.48 -10.61 -10.13
C LEU A 198 -3.84 -11.15 -8.74
N PRO A 199 -4.13 -10.26 -7.74
CA PRO A 199 -4.46 -10.74 -6.38
C PRO A 199 -5.94 -11.11 -6.34
N VAL A 200 -6.32 -12.23 -7.00
CA VAL A 200 -7.73 -12.55 -7.20
C VAL A 200 -8.47 -12.76 -5.86
N LYS A 201 -7.80 -13.21 -4.78
CA LYS A 201 -8.52 -13.43 -3.50
C LYS A 201 -8.86 -12.13 -2.72
N TRP A 202 -8.40 -10.99 -3.22
CA TRP A 202 -8.67 -9.67 -2.63
C TRP A 202 -9.59 -8.87 -3.59
N MET A 203 -9.89 -9.43 -4.77
CA MET A 203 -10.63 -8.69 -5.81
C MET A 203 -12.13 -8.77 -5.74
N ALA A 204 -12.80 -7.65 -6.09
CA ALA A 204 -14.26 -7.61 -6.08
C ALA A 204 -14.78 -8.50 -7.16
N LEU A 205 -15.94 -9.10 -6.91
CA LEU A 205 -16.60 -10.00 -7.84
C LEU A 205 -16.66 -9.38 -9.25
N GLU A 206 -17.05 -8.09 -9.38
CA GLU A 206 -17.13 -7.44 -10.70
C GLU A 206 -15.76 -7.22 -11.33
N SER A 207 -14.69 -7.06 -10.52
CA SER A 207 -13.33 -6.88 -11.08
C SER A 207 -12.85 -8.22 -11.66
N LEU A 208 -13.27 -9.34 -11.06
CA LEU A 208 -12.93 -10.69 -11.53
C LEU A 208 -13.62 -11.00 -12.85
N GLN A 209 -14.82 -10.40 -13.05
CA GLN A 209 -15.62 -10.59 -14.26
C GLN A 209 -15.29 -9.58 -15.36
N THR A 210 -14.87 -8.34 -15.01
CA THR A 210 -14.63 -7.29 -16.03
C THR A 210 -13.20 -6.77 -16.16
N GLN A 211 -12.30 -7.07 -15.20
CA GLN A 211 -10.91 -6.59 -15.20
C GLN A 211 -10.83 -5.05 -14.97
N LYS A 212 -11.96 -4.43 -14.55
CA LYS A 212 -12.05 -3.00 -14.27
C LYS A 212 -11.99 -2.80 -12.75
N PHE A 213 -11.43 -1.66 -12.32
CA PHE A 213 -11.26 -1.34 -10.92
C PHE A 213 -11.83 0.04 -10.58
N THR A 214 -12.47 0.17 -9.42
CA THR A 214 -13.07 1.42 -8.94
C THR A 214 -12.81 1.52 -7.44
N THR A 215 -13.18 2.67 -6.82
CA THR A 215 -13.06 2.84 -5.38
C THR A 215 -13.92 1.77 -4.71
N LYS A 216 -15.08 1.42 -5.31
CA LYS A 216 -15.94 0.36 -4.77
C LYS A 216 -15.27 -1.04 -4.80
N SER A 217 -14.36 -1.30 -5.76
CA SER A 217 -13.62 -2.55 -5.70
C SER A 217 -12.52 -2.45 -4.66
N ASP A 218 -11.97 -1.23 -4.37
CA ASP A 218 -10.99 -1.08 -3.26
C ASP A 218 -11.68 -1.36 -1.94
N VAL A 219 -12.96 -0.97 -1.82
CA VAL A 219 -13.73 -1.21 -0.57
C VAL A 219 -13.84 -2.75 -0.32
N TRP A 220 -14.11 -3.53 -1.37
CA TRP A 220 -14.18 -5.00 -1.26
C TRP A 220 -12.81 -5.48 -0.70
N SER A 221 -11.70 -5.06 -1.35
CA SER A 221 -10.33 -5.41 -0.93
C SER A 221 -10.06 -5.03 0.51
N PHE A 222 -10.53 -3.85 0.92
CA PHE A 222 -10.40 -3.38 2.31
C PHE A 222 -11.09 -4.38 3.25
N GLY A 223 -12.27 -4.88 2.85
CA GLY A 223 -12.99 -5.91 3.60
C GLY A 223 -12.12 -7.12 3.90
N VAL A 224 -11.39 -7.63 2.88
CA VAL A 224 -10.51 -8.79 3.01
C VAL A 224 -9.31 -8.46 3.92
N LEU A 225 -8.73 -7.26 3.79
CA LEU A 225 -7.60 -6.83 4.64
C LEU A 225 -8.07 -6.80 6.11
N LEU A 226 -9.32 -6.32 6.34
CA LEU A 226 -9.93 -6.30 7.69
C LEU A 226 -9.97 -7.72 8.20
N TRP A 227 -10.42 -8.66 7.36
CA TRP A 227 -10.45 -10.08 7.69
C TRP A 227 -9.02 -10.55 8.01
N GLU A 228 -8.00 -10.13 7.20
CA GLU A 228 -6.59 -10.50 7.45
C GLU A 228 -6.13 -10.00 8.81
N LEU A 229 -6.50 -8.76 9.19
CA LEU A 229 -6.09 -8.21 10.50
C LEU A 229 -6.68 -9.00 11.63
N MET A 230 -7.98 -9.30 11.55
CA MET A 230 -8.69 -10.01 12.62
C MET A 230 -8.27 -11.48 12.78
N THR A 231 -7.58 -12.07 11.78
CA THR A 231 -7.08 -13.47 11.85
C THR A 231 -5.56 -13.52 12.05
N ARG A 232 -4.95 -12.36 12.29
CA ARG A 232 -3.50 -12.21 12.46
C ARG A 232 -2.73 -12.74 11.22
N GLY A 233 -3.24 -12.39 10.03
CA GLY A 233 -2.58 -12.70 8.77
C GLY A 233 -2.83 -14.07 8.15
N ALA A 234 -3.93 -14.73 8.50
CA ALA A 234 -4.26 -16.02 7.85
C ALA A 234 -4.54 -15.77 6.35
N PRO A 235 -4.21 -16.73 5.45
CA PRO A 235 -4.56 -16.54 4.03
C PRO A 235 -6.07 -16.72 3.79
N PRO A 236 -6.71 -15.85 2.97
CA PRO A 236 -8.16 -16.00 2.73
C PRO A 236 -8.45 -17.16 1.78
N TYR A 237 -9.63 -17.83 1.94
CA TYR A 237 -10.09 -18.97 1.11
C TYR A 237 -8.96 -20.00 0.84
N PRO A 238 -8.29 -20.56 1.89
CA PRO A 238 -7.17 -21.48 1.64
C PRO A 238 -7.54 -22.75 0.84
N ASP A 239 -8.81 -23.21 0.95
CA ASP A 239 -9.31 -24.42 0.27
C ASP A 239 -9.91 -24.15 -1.12
N VAL A 240 -9.89 -22.89 -1.58
CA VAL A 240 -10.48 -22.52 -2.86
C VAL A 240 -9.42 -22.02 -3.84
N ASN A 241 -9.37 -22.63 -5.04
CA ASN A 241 -8.46 -22.27 -6.15
C ASN A 241 -8.75 -20.85 -6.61
N THR A 242 -7.74 -20.16 -7.19
CA THR A 242 -7.96 -18.82 -7.75
C THR A 242 -8.98 -18.88 -8.91
N PHE A 243 -8.97 -19.97 -9.70
CA PHE A 243 -9.93 -20.13 -10.77
C PHE A 243 -11.36 -20.27 -10.22
N ASP A 244 -11.54 -20.96 -9.09
CA ASP A 244 -12.86 -21.23 -8.51
C ASP A 244 -13.49 -20.08 -7.69
N ILE A 245 -12.75 -18.98 -7.47
CA ILE A 245 -13.19 -17.86 -6.62
C ILE A 245 -14.44 -17.21 -7.18
N THR A 246 -14.52 -16.99 -8.49
CA THR A 246 -15.70 -16.36 -9.11
C THR A 246 -17.01 -17.13 -8.78
N VAL A 247 -17.06 -18.44 -9.09
CA VAL A 247 -18.25 -19.25 -8.84
C VAL A 247 -18.58 -19.30 -7.34
N TYR A 248 -17.56 -19.39 -6.49
CA TYR A 248 -17.73 -19.40 -5.03
C TYR A 248 -18.43 -18.10 -4.57
N LEU A 249 -17.97 -16.94 -5.08
CA LEU A 249 -18.56 -15.64 -4.74
C LEU A 249 -19.98 -15.47 -5.29
N LEU A 250 -20.23 -15.96 -6.52
CA LEU A 250 -21.56 -15.92 -7.18
C LEU A 250 -22.62 -16.73 -6.45
N GLN A 251 -22.20 -17.73 -5.67
CA GLN A 251 -23.09 -18.57 -4.89
C GLN A 251 -23.49 -17.89 -3.56
N GLY A 252 -22.87 -16.73 -3.28
CA GLY A 252 -23.14 -15.96 -2.08
C GLY A 252 -22.26 -16.36 -0.92
N ARG A 253 -21.24 -17.18 -1.17
CA ARG A 253 -20.32 -17.58 -0.09
C ARG A 253 -19.31 -16.45 0.20
N ARG A 254 -18.99 -16.25 1.47
CA ARG A 254 -18.06 -15.20 1.88
C ARG A 254 -17.15 -15.73 2.97
N LEU A 255 -16.03 -15.02 3.25
CA LEU A 255 -15.12 -15.36 4.35
C LEU A 255 -15.95 -15.33 5.64
N LEU A 256 -15.73 -16.31 6.52
CA LEU A 256 -16.44 -16.50 7.78
C LEU A 256 -15.92 -15.59 8.86
N GLN A 257 -16.76 -15.31 9.86
CA GLN A 257 -16.40 -14.44 10.97
C GLN A 257 -15.19 -14.98 11.75
N PRO A 258 -14.06 -14.23 11.80
CA PRO A 258 -12.89 -14.69 12.58
C PRO A 258 -13.24 -14.88 14.06
N GLU A 259 -12.55 -15.83 14.72
CA GLU A 259 -12.72 -16.19 16.14
C GLU A 259 -12.76 -14.97 17.06
N TYR A 260 -11.76 -14.08 16.95
CA TYR A 260 -11.69 -12.86 17.75
C TYR A 260 -12.00 -11.62 16.91
N CYS A 261 -13.29 -11.45 16.56
CA CYS A 261 -13.79 -10.33 15.75
C CYS A 261 -15.18 -9.89 16.23
N PRO A 262 -15.32 -8.63 16.69
CA PRO A 262 -16.65 -8.15 17.13
C PRO A 262 -17.72 -8.23 16.04
N ASP A 263 -18.96 -8.59 16.41
CA ASP A 263 -20.07 -8.71 15.48
C ASP A 263 -20.32 -7.46 14.64
N PRO A 264 -20.29 -6.21 15.20
CA PRO A 264 -20.52 -5.03 14.34
C PRO A 264 -19.40 -4.89 13.31
N LEU A 265 -18.19 -5.35 13.63
CA LEU A 265 -17.05 -5.29 12.70
C LEU A 265 -17.19 -6.30 11.57
N TYR A 266 -17.79 -7.46 11.87
CA TYR A 266 -18.03 -8.44 10.80
C TYR A 266 -19.16 -7.94 9.92
N GLU A 267 -20.13 -7.20 10.49
CA GLU A 267 -21.21 -6.56 9.71
C GLU A 267 -20.59 -5.61 8.69
N VAL A 268 -19.53 -4.87 9.11
CA VAL A 268 -18.78 -3.95 8.26
C VAL A 268 -18.12 -4.74 7.09
N MET A 269 -17.39 -5.83 7.40
CA MET A 269 -16.72 -6.66 6.39
C MET A 269 -17.72 -7.18 5.39
N LEU A 270 -18.89 -7.69 5.88
CA LEU A 270 -19.92 -8.24 4.97
C LEU A 270 -20.43 -7.21 4.02
N LYS A 271 -20.65 -5.96 4.49
CA LYS A 271 -21.12 -4.85 3.65
C LYS A 271 -20.11 -4.55 2.56
N CYS A 272 -18.81 -4.71 2.86
CA CYS A 272 -17.73 -4.48 1.87
C CYS A 272 -17.82 -5.50 0.73
N TRP A 273 -18.42 -6.67 1.00
CA TRP A 273 -18.46 -7.75 0.03
C TRP A 273 -19.83 -7.91 -0.63
N HIS A 274 -20.65 -6.87 -0.56
CA HIS A 274 -21.97 -6.92 -1.18
C HIS A 274 -21.81 -7.03 -2.70
N PRO A 275 -22.56 -7.92 -3.37
CA PRO A 275 -22.39 -8.06 -4.84
C PRO A 275 -22.66 -6.78 -5.63
N LYS A 276 -23.50 -5.87 -5.14
CA LYS A 276 -23.78 -4.64 -5.88
C LYS A 276 -22.81 -3.57 -5.40
N ALA A 277 -21.92 -3.13 -6.28
CA ALA A 277 -20.90 -2.12 -5.95
C ALA A 277 -21.45 -0.87 -5.23
N GLU A 278 -22.60 -0.32 -5.70
CA GLU A 278 -23.23 0.86 -5.08
C GLU A 278 -23.76 0.63 -3.65
N MET A 279 -23.99 -0.62 -3.27
CA MET A 279 -24.49 -0.97 -1.94
C MET A 279 -23.40 -1.03 -0.88
N ARG A 280 -22.12 -1.02 -1.32
CA ARG A 280 -20.98 -1.08 -0.41
C ARG A 280 -20.77 0.26 0.25
N PRO A 281 -20.26 0.30 1.50
CA PRO A 281 -19.98 1.62 2.13
C PRO A 281 -18.87 2.36 1.40
N SER A 282 -18.82 3.69 1.55
CA SER A 282 -17.72 4.50 1.04
C SER A 282 -16.62 4.40 2.10
N PHE A 283 -15.39 4.86 1.78
CA PHE A 283 -14.33 4.83 2.80
C PHE A 283 -14.61 5.83 3.94
N SER A 284 -15.30 6.95 3.64
CA SER A 284 -15.67 7.89 4.72
C SER A 284 -16.64 7.19 5.69
N GLU A 285 -17.65 6.40 5.16
CA GLU A 285 -18.54 5.59 6.02
C GLU A 285 -17.76 4.56 6.83
N LEU A 286 -16.76 3.87 6.22
CA LEU A 286 -15.94 2.89 6.94
C LEU A 286 -15.13 3.54 8.06
N VAL A 287 -14.55 4.70 7.80
CA VAL A 287 -13.83 5.42 8.89
C VAL A 287 -14.82 5.72 10.02
N SER A 288 -16.00 6.28 9.69
CA SER A 288 -17.03 6.64 10.70
C SER A 288 -17.43 5.41 11.51
N ARG A 289 -17.77 4.32 10.80
CA ARG A 289 -18.24 3.10 11.45
C ARG A 289 -17.17 2.38 12.25
N ILE A 290 -15.94 2.32 11.74
CA ILE A 290 -14.87 1.64 12.46
C ILE A 290 -14.39 2.48 13.62
N SER A 291 -14.32 3.83 13.49
CA SER A 291 -13.88 4.64 14.66
C SER A 291 -14.92 4.48 15.80
N ALA A 292 -16.23 4.43 15.44
CA ALA A 292 -17.28 4.22 16.46
C ALA A 292 -17.08 2.89 17.18
N ILE A 293 -16.77 1.79 16.44
CA ILE A 293 -16.46 0.46 17.02
C ILE A 293 -15.17 0.52 17.85
N PHE A 294 -14.11 1.16 17.33
CA PHE A 294 -12.82 1.30 18.03
C PHE A 294 -13.03 1.99 19.40
N SER A 295 -13.84 3.06 19.41
CA SER A 295 -14.16 3.85 20.61
C SER A 295 -14.92 3.08 21.72
N THR A 296 -15.49 1.88 21.42
CA THR A 296 -16.19 1.06 22.44
C THR A 296 -15.23 0.16 23.25
N PHE A 297 -13.92 0.16 22.91
CA PHE A 297 -12.96 -0.72 23.58
C PHE A 297 -12.21 -0.06 24.74
C1 SW8 B . 7.87 0.31 -2.61
C2 SW8 B . 9.20 -0.09 -2.64
C3 SW8 B . 9.80 -0.61 -1.50
C7 SW8 B . 10.07 1.09 1.88
C8 SW8 B . 10.90 0.64 3.89
C9 SW8 B . 11.70 -0.35 5.74
C10 SW8 B . 11.50 -1.62 5.22
C11 SW8 B . 10.97 -1.75 3.94
C12 SW8 B . 10.65 -0.57 3.25
C13 SW8 B . 11.77 -2.84 6.01
C14 SW8 B . 11.80 -4.18 5.59
C15 SW8 B . 11.97 -2.90 7.37
C16 SW8 B . 12.39 -4.74 9.03
C19 SW8 B . 11.41 -6.01 10.96
C20 SW8 B . 11.15 -5.46 9.56
C21 SW8 B . 7.76 -0.33 -0.28
F SW8 B . 5.89 0.57 -1.36
C SW8 B . 7.20 0.19 -1.41
C4 SW8 B . 9.09 -0.74 -0.32
C5 SW8 B . 9.74 -1.30 0.92
C6 SW8 B . 10.13 -0.28 1.96
N SW8 B . 10.52 1.66 3.06
N1 SW8 B . 11.41 0.80 5.11
N3 SW8 B . 12.14 -4.20 7.68
N2 SW8 B . 12.02 -5.01 6.59
N4 SW8 B . 12.60 -6.91 10.94
C18 SW8 B . 13.81 -6.20 10.50
C17 SW8 B . 13.63 -5.63 9.10
#